data_7LXH
#
_entry.id   7LXH
#
_cell.length_a   124.572
_cell.length_b   55.609
_cell.length_c   48.557
_cell.angle_alpha   90.000
_cell.angle_beta   110.730
_cell.angle_gamma   90.000
#
_symmetry.space_group_name_H-M   'C 1 2 1'
#
loop_
_entity.id
_entity.type
_entity.pdbx_description
1 polymer 'DNA-7-methylguanine glycosylase'
2 polymer "DNA (5'-D(*AP*GP*CP*AP*AP*(ORP)P*GP*GP*C)-3')"
3 polymer "DNA (5'-D(*TP*GP*CP*CP*TP*TP*TP*GP*C)-3')"
4 non-polymer 'CALCIUM ION'
5 non-polymer 7-{7-[(1R)-1-{[(4P)-6-amino-3H-purin-3-yl]methyl}-5-hydroxy-8-methyl-1,6-dihydropyrrolo[3,2-e]indole-3(2H)-carbonyl]-4-hydroxy-5-methoxy-1,6-dihydropyrrolo[3,2-e]indole-3(2H)-carbonyl}-4-hydroxy-5-methoxy-1,6-dihydropyrrolo[3,2-e]indole-3(2H)-carboxamide
6 water water
#
loop_
_entity_poly.entity_id
_entity_poly.type
_entity_poly.pdbx_seq_one_letter_code
_entity_poly.pdbx_strand_id
1 'polypeptide(L)'
;GPVPMHPFVKALQEHFTAHQNPEKAEPMARYMKNHFLFLGIQTPERRQLLKDIIQIHTLPDQKDFQIIIRELWDLPEREF
QAAALDIMQKYKKHINETHIPFLEELIVTKSWWDSVDSIVPTFLGDIFLKHPELISAYIPKWIASDNIWLQRAAILFQLK
YKQKMDEELLFWIIGQLHSSKEFFIQKAIGWVLREYAKTNPDVVWEYVQNNELAPLSKREAIKHIKQNYGINNEKIGETL
S
;
A
2 'polydeoxyribonucleotide' (DA)(DG)(DC)(DA)(DA)(ORP)(DG)(DG)(DC) B
3 'polydeoxyribonucleotide' (DT)(DG)(DC)(DC)(DT)(DT)(DT)(DG)(DC) C
#
# COMPACT_ATOMS: atom_id res chain seq x y z
N VAL A 3 13.46 21.98 -3.66
CA VAL A 3 12.98 22.58 -2.42
C VAL A 3 11.45 22.61 -2.41
N PRO A 4 10.84 22.22 -1.30
CA PRO A 4 9.37 22.32 -1.22
C PRO A 4 8.94 23.78 -1.16
N MET A 5 7.85 24.09 -1.88
CA MET A 5 7.38 25.46 -1.97
C MET A 5 5.95 25.65 -1.47
N HIS A 6 5.18 24.57 -1.24
CA HIS A 6 3.83 24.77 -0.71
C HIS A 6 3.90 25.12 0.77
N PRO A 7 3.21 26.20 1.22
CA PRO A 7 3.36 26.62 2.63
C PRO A 7 3.06 25.54 3.65
N PHE A 8 2.08 24.68 3.38
CA PHE A 8 1.77 23.59 4.31
C PHE A 8 2.95 22.63 4.43
N VAL A 9 3.57 22.29 3.31
CA VAL A 9 4.69 21.35 3.32
C VAL A 9 5.91 21.97 4.00
N LYS A 10 6.20 23.23 3.69
CA LYS A 10 7.33 23.89 4.38
C LYS A 10 7.10 23.89 5.88
N ALA A 11 5.87 24.15 6.31
CA ALA A 11 5.55 24.17 7.73
C ALA A 11 5.69 22.78 8.36
N LEU A 12 5.19 21.76 7.67
CA LEU A 12 5.31 20.39 8.20
C LEU A 12 6.76 19.97 8.26
N GLN A 13 7.56 20.35 7.27
CA GLN A 13 8.97 19.98 7.26
C GLN A 13 9.68 20.59 8.46
N GLU A 14 9.44 21.87 8.73
CA GLU A 14 10.07 22.53 9.88
C GLU A 14 9.65 21.89 11.19
N HIS A 15 8.36 21.61 11.34
CA HIS A 15 7.84 21.09 12.61
C HIS A 15 8.35 19.69 12.87
N PHE A 16 8.26 18.81 11.85
CA PHE A 16 8.85 17.47 11.98
C PHE A 16 10.35 17.56 12.29
N THR A 17 11.09 18.35 11.51
CA THR A 17 12.53 18.37 11.66
C THR A 17 12.92 18.85 13.06
N ALA A 18 12.15 19.79 13.60
CA ALA A 18 12.37 20.27 14.96
C ALA A 18 12.24 19.17 16.01
N HIS A 19 11.56 18.07 15.68
CA HIS A 19 11.30 16.99 16.63
C HIS A 19 12.05 15.71 16.28
N GLN A 20 13.09 15.80 15.45
CA GLN A 20 13.82 14.59 15.09
C GLN A 20 14.57 14.04 16.30
N ASN A 21 14.81 12.73 16.25
CA ASN A 21 15.47 11.99 17.33
C ASN A 21 16.43 11.03 16.66
N PRO A 22 17.70 11.42 16.50
CA PRO A 22 18.64 10.54 15.77
C PRO A 22 18.79 9.15 16.37
N GLU A 23 18.76 9.01 17.70
CA GLU A 23 18.85 7.67 18.31
C GLU A 23 17.68 6.82 17.86
N LYS A 24 16.49 7.41 17.77
CA LYS A 24 15.33 6.66 17.29
C LYS A 24 15.38 6.40 15.79
N ALA A 25 15.94 7.33 15.02
CA ALA A 25 15.92 7.21 13.57
C ALA A 25 16.69 6.00 13.09
N GLU A 26 17.74 5.62 13.84
CA GLU A 26 18.60 4.53 13.40
C GLU A 26 17.85 3.21 13.30
N PRO A 27 17.20 2.71 14.36
CA PRO A 27 16.46 1.46 14.21
C PRO A 27 15.26 1.58 13.29
N MET A 28 14.60 2.74 13.22
CA MET A 28 13.50 2.91 12.27
C MET A 28 13.98 2.72 10.84
N ALA A 29 15.12 3.32 10.49
CA ALA A 29 15.68 3.18 9.16
C ALA A 29 16.15 1.75 8.88
N ARG A 30 16.75 1.10 9.87
CA ARG A 30 17.19 -0.28 9.68
C ARG A 30 16.01 -1.23 9.46
N TYR A 31 14.88 -0.95 10.10
CA TYR A 31 13.69 -1.79 9.92
C TYR A 31 13.23 -1.78 8.47
N MET A 32 13.41 -0.65 7.75
CA MET A 32 13.07 -0.57 6.33
C MET A 32 14.26 -0.84 5.44
N LYS A 33 15.20 -1.68 5.93
CA LYS A 33 16.36 -2.12 5.17
C LYS A 33 17.20 -0.96 4.67
N ASN A 34 17.18 0.14 5.42
CA ASN A 34 17.96 1.34 5.12
C ASN A 34 17.74 1.84 3.71
N HIS A 35 16.53 1.66 3.17
CA HIS A 35 16.21 2.30 1.89
C HIS A 35 15.97 3.78 2.03
N PHE A 36 15.64 4.25 3.23
CA PHE A 36 15.24 5.63 3.47
C PHE A 36 15.93 6.19 4.70
N LEU A 37 16.19 7.50 4.65
CA LEU A 37 16.48 8.25 5.86
C LEU A 37 15.21 8.39 6.68
N PHE A 38 15.38 8.52 7.98
CA PHE A 38 14.30 8.76 8.91
C PHE A 38 14.67 9.95 9.79
N LEU A 39 13.65 10.71 10.21
CA LEU A 39 13.87 11.71 11.24
C LEU A 39 13.91 11.10 12.63
N GLY A 40 13.17 10.02 12.82
CA GLY A 40 13.05 9.36 14.12
C GLY A 40 11.80 9.73 14.89
N ILE A 41 10.67 9.79 14.20
CA ILE A 41 9.39 10.17 14.78
C ILE A 41 8.44 9.00 14.51
N GLN A 42 8.00 8.33 15.57
CA GLN A 42 7.10 7.20 15.41
C GLN A 42 5.65 7.68 15.26
N THR A 43 4.77 6.75 14.93
CA THR A 43 3.46 7.11 14.39
C THR A 43 2.60 7.96 15.33
N PRO A 44 2.51 7.70 16.64
CA PRO A 44 1.66 8.55 17.48
C PRO A 44 2.10 9.99 17.49
N GLU A 45 3.40 10.23 17.69
CA GLU A 45 3.90 11.60 17.66
C GLU A 45 3.73 12.20 16.28
N ARG A 46 4.01 11.41 15.23
CA ARG A 46 3.96 11.93 13.87
C ARG A 46 2.56 12.44 13.52
N ARG A 47 1.52 11.72 13.96
CA ARG A 47 0.16 12.18 13.70
C ARG A 47 -0.24 13.38 14.55
N GLN A 48 0.28 13.50 15.78
CA GLN A 48 0.01 14.72 16.56
C GLN A 48 0.71 15.93 15.96
N LEU A 49 1.93 15.73 15.44
CA LEU A 49 2.67 16.83 14.82
C LEU A 49 2.00 17.26 13.51
N LEU A 50 1.40 16.31 12.80
CA LEU A 50 0.65 16.63 11.60
C LEU A 50 -0.57 17.48 11.95
N LYS A 51 -1.35 17.05 12.94
CA LYS A 51 -2.53 17.82 13.28
C LYS A 51 -2.14 19.20 13.80
N ASP A 52 -0.97 19.34 14.46
CA ASP A 52 -0.50 20.66 14.87
C ASP A 52 -0.50 21.62 13.69
N ILE A 53 -0.02 21.15 12.53
CA ILE A 53 0.11 22.00 11.36
C ILE A 53 -1.24 22.20 10.69
N ILE A 54 -2.07 21.15 10.64
CA ILE A 54 -3.39 21.27 10.02
C ILE A 54 -4.22 22.34 10.71
N GLN A 55 -4.14 22.42 12.03
CA GLN A 55 -5.04 23.33 12.74
C GLN A 55 -4.62 24.79 12.56
N ILE A 56 -3.35 25.03 12.27
CA ILE A 56 -2.90 26.37 11.90
C ILE A 56 -3.42 26.73 10.51
N HIS A 57 -3.09 25.89 9.52
CA HIS A 57 -3.32 26.23 8.12
C HIS A 57 -4.70 25.87 7.61
N THR A 58 -5.41 24.95 8.30
CA THR A 58 -6.63 24.33 7.79
C THR A 58 -6.27 23.35 6.69
N LEU A 59 -7.02 22.25 6.58
CA LEU A 59 -6.76 21.29 5.52
C LEU A 59 -6.78 22.02 4.17
N PRO A 60 -5.71 21.94 3.39
CA PRO A 60 -5.66 22.72 2.14
C PRO A 60 -6.77 22.33 1.18
N ASP A 61 -7.19 23.31 0.38
CA ASP A 61 -8.18 23.06 -0.66
C ASP A 61 -7.82 21.80 -1.42
N GLN A 62 -8.85 21.09 -1.89
CA GLN A 62 -8.61 19.82 -2.56
C GLN A 62 -7.86 20.02 -3.88
N LYS A 63 -7.86 21.23 -4.43
CA LYS A 63 -7.12 21.51 -5.66
C LYS A 63 -5.63 21.24 -5.49
N ASP A 64 -5.12 21.32 -4.27
CA ASP A 64 -3.70 21.21 -3.99
C ASP A 64 -3.28 19.82 -3.53
N PHE A 65 -4.21 18.89 -3.35
CA PHE A 65 -3.87 17.68 -2.60
C PHE A 65 -2.79 16.88 -3.31
N GLN A 66 -2.92 16.66 -4.61
CA GLN A 66 -1.84 15.98 -5.33
C GLN A 66 -0.53 16.73 -5.20
N ILE A 67 -0.58 18.06 -5.33
CA ILE A 67 0.61 18.88 -5.20
C ILE A 67 1.28 18.62 -3.86
N ILE A 68 0.50 18.66 -2.78
CA ILE A 68 1.08 18.48 -1.45
C ILE A 68 1.67 17.10 -1.28
N ILE A 69 0.96 16.07 -1.74
CA ILE A 69 1.46 14.71 -1.58
C ILE A 69 2.73 14.52 -2.38
N ARG A 70 2.79 15.09 -3.59
CA ARG A 70 4.00 14.95 -4.40
C ARG A 70 5.21 15.60 -3.73
N GLU A 71 5.04 16.80 -3.19
CA GLU A 71 6.15 17.47 -2.51
C GLU A 71 6.62 16.65 -1.31
N LEU A 72 5.69 16.09 -0.54
CA LEU A 72 6.09 15.26 0.60
C LEU A 72 6.76 13.98 0.13
N TRP A 73 6.30 13.45 -1.01
CA TRP A 73 6.92 12.24 -1.54
C TRP A 73 8.37 12.49 -1.94
N ASP A 74 8.71 13.73 -2.27
CA ASP A 74 10.03 14.08 -2.75
C ASP A 74 11.01 14.38 -1.62
N LEU A 75 10.53 14.56 -0.39
CA LEU A 75 11.42 14.80 0.74
C LEU A 75 12.11 13.51 1.18
N PRO A 76 13.33 13.60 1.72
CA PRO A 76 14.14 12.39 1.88
C PRO A 76 13.67 11.50 3.01
N GLU A 77 13.19 12.09 4.11
CA GLU A 77 12.87 11.30 5.29
C GLU A 77 11.52 10.60 5.16
N ARG A 78 11.48 9.34 5.59
CA ARG A 78 10.31 8.50 5.35
C ARG A 78 9.06 9.01 6.06
N GLU A 79 9.21 9.70 7.20
CA GLU A 79 8.02 10.20 7.89
C GLU A 79 7.19 11.12 7.01
N PHE A 80 7.81 11.75 6.01
CA PHE A 80 7.05 12.64 5.13
C PHE A 80 6.16 11.84 4.18
N GLN A 81 6.59 10.65 3.73
CA GLN A 81 5.69 9.81 2.96
C GLN A 81 4.60 9.21 3.85
N ALA A 82 4.94 8.86 5.09
CA ALA A 82 3.92 8.34 6.01
C ALA A 82 2.89 9.42 6.31
N ALA A 83 3.34 10.66 6.52
CA ALA A 83 2.41 11.76 6.71
C ALA A 83 1.58 11.99 5.46
N ALA A 84 2.19 11.89 4.27
CA ALA A 84 1.44 12.08 3.04
C ALA A 84 0.30 11.07 2.94
N LEU A 85 0.52 9.83 3.36
CA LEU A 85 -0.56 8.85 3.35
C LEU A 85 -1.65 9.20 4.35
N ASP A 86 -1.27 9.69 5.54
CA ASP A 86 -2.26 10.14 6.49
C ASP A 86 -3.10 11.26 5.91
N ILE A 87 -2.49 12.10 5.08
CA ILE A 87 -3.23 13.21 4.49
C ILE A 87 -4.18 12.70 3.41
N MET A 88 -3.72 11.73 2.60
CA MET A 88 -4.60 11.14 1.59
C MET A 88 -5.86 10.58 2.24
N GLN A 89 -5.72 9.97 3.42
CA GLN A 89 -6.89 9.44 4.12
C GLN A 89 -7.92 10.52 4.37
N LYS A 90 -7.49 11.78 4.55
CA LYS A 90 -8.41 12.87 4.81
C LYS A 90 -9.09 13.37 3.55
N TYR A 91 -8.54 13.07 2.37
CA TYR A 91 -9.14 13.43 1.10
C TYR A 91 -9.85 12.27 0.43
N LYS A 92 -9.95 11.12 1.09
CA LYS A 92 -10.58 9.95 0.51
C LYS A 92 -11.78 10.28 -0.37
N LYS A 93 -12.61 11.23 0.07
CA LYS A 93 -13.86 11.52 -0.63
C LYS A 93 -13.61 11.97 -2.06
N HIS A 94 -12.52 12.67 -2.30
CA HIS A 94 -12.27 13.30 -3.59
C HIS A 94 -11.36 12.45 -4.46
N ILE A 95 -11.03 11.23 -4.04
CA ILE A 95 -10.19 10.33 -4.82
C ILE A 95 -11.10 9.38 -5.58
N ASN A 96 -10.86 9.26 -6.89
CA ASN A 96 -11.73 8.53 -7.79
C ASN A 96 -10.87 7.95 -8.91
N GLU A 97 -11.51 7.48 -9.97
CA GLU A 97 -10.77 6.75 -11.00
C GLU A 97 -9.78 7.64 -11.74
N THR A 98 -10.00 8.96 -11.78
CA THR A 98 -9.05 9.82 -12.48
C THR A 98 -7.72 9.86 -11.75
N HIS A 99 -7.68 9.41 -10.51
CA HIS A 99 -6.46 9.42 -9.72
C HIS A 99 -5.66 8.15 -9.85
N ILE A 100 -6.09 7.14 -10.60
CA ILE A 100 -5.33 5.89 -10.66
C ILE A 100 -3.91 6.15 -11.13
N PRO A 101 -3.65 6.94 -12.17
CA PRO A 101 -2.25 7.15 -12.58
C PRO A 101 -1.40 7.75 -11.49
N PHE A 102 -1.97 8.70 -10.75
CA PHE A 102 -1.29 9.30 -9.61
C PHE A 102 -0.91 8.25 -8.58
N LEU A 103 -1.85 7.37 -8.24
CA LEU A 103 -1.57 6.32 -7.28
C LEU A 103 -0.52 5.35 -7.82
N GLU A 104 -0.55 5.06 -9.12
CA GLU A 104 0.52 4.28 -9.76
C GLU A 104 1.88 4.91 -9.52
N GLU A 105 2.00 6.22 -9.76
CA GLU A 105 3.27 6.90 -9.52
C GLU A 105 3.71 6.73 -8.08
N LEU A 106 2.80 6.88 -7.12
CA LEU A 106 3.19 6.71 -5.72
C LEU A 106 3.67 5.30 -5.44
N ILE A 107 3.06 4.30 -6.09
CA ILE A 107 3.43 2.93 -5.83
C ILE A 107 4.86 2.67 -6.30
N VAL A 108 5.26 3.27 -7.41
CA VAL A 108 6.57 2.94 -8.00
C VAL A 108 7.67 3.94 -7.62
N THR A 109 7.36 4.92 -6.78
CA THR A 109 8.33 5.91 -6.33
C THR A 109 8.54 5.76 -4.83
N LYS A 110 9.80 5.69 -4.40
CA LYS A 110 10.13 5.42 -3.00
C LYS A 110 9.37 4.19 -2.50
N SER A 111 9.40 3.15 -3.32
CA SER A 111 8.61 1.95 -3.06
C SER A 111 9.13 1.13 -1.88
N TRP A 112 8.22 0.70 -1.01
CA TRP A 112 8.48 -0.34 -0.02
C TRP A 112 7.13 -0.77 0.53
N TRP A 113 7.13 -1.82 1.36
CA TRP A 113 5.85 -2.40 1.77
C TRP A 113 5.06 -1.42 2.62
N ASP A 114 5.75 -0.53 3.33
CA ASP A 114 5.04 0.38 4.23
C ASP A 114 4.21 1.42 3.47
N SER A 115 4.62 1.83 2.28
CA SER A 115 3.82 2.74 1.49
C SER A 115 2.85 1.96 0.61
N VAL A 116 3.34 0.93 -0.06
CA VAL A 116 2.51 0.26 -1.05
C VAL A 116 1.32 -0.41 -0.39
N ASP A 117 1.52 -1.05 0.76
CA ASP A 117 0.43 -1.75 1.44
C ASP A 117 -0.60 -0.77 1.98
N SER A 118 -0.23 0.49 2.14
CA SER A 118 -1.18 1.51 2.57
CA SER A 118 -1.18 1.51 2.57
C SER A 118 -1.93 2.15 1.41
N ILE A 119 -1.32 2.21 0.24
CA ILE A 119 -1.98 2.76 -0.93
C ILE A 119 -2.98 1.77 -1.51
N VAL A 120 -2.62 0.50 -1.57
CA VAL A 120 -3.32 -0.37 -2.51
C VAL A 120 -4.67 -0.86 -2.00
N PRO A 121 -4.79 -1.55 -0.86
CA PRO A 121 -6.11 -2.11 -0.48
C PRO A 121 -7.14 -1.06 -0.17
N THR A 122 -6.70 0.09 0.34
CA THR A 122 -7.65 1.11 0.71
C THR A 122 -8.06 1.91 -0.53
N PHE A 123 -7.11 2.61 -1.13
CA PHE A 123 -7.45 3.57 -2.16
C PHE A 123 -7.76 2.89 -3.48
N LEU A 124 -6.88 2.01 -3.96
CA LEU A 124 -7.18 1.30 -5.21
C LEU A 124 -8.32 0.31 -5.02
N GLY A 125 -8.37 -0.34 -3.85
CA GLY A 125 -9.46 -1.25 -3.58
C GLY A 125 -10.80 -0.55 -3.74
N ASP A 126 -10.92 0.65 -3.18
CA ASP A 126 -12.19 1.37 -3.22
C ASP A 126 -12.51 1.81 -4.64
N ILE A 127 -11.51 2.29 -5.38
CA ILE A 127 -11.73 2.77 -6.74
C ILE A 127 -12.24 1.63 -7.64
N PHE A 128 -11.64 0.44 -7.53
CA PHE A 128 -12.03 -0.63 -8.45
C PHE A 128 -13.33 -1.30 -8.03
N LEU A 129 -13.77 -1.12 -6.78
CA LEU A 129 -15.11 -1.56 -6.40
C LEU A 129 -16.17 -0.72 -7.11
N LYS A 130 -15.91 0.56 -7.26
CA LYS A 130 -16.85 1.44 -7.93
C LYS A 130 -16.71 1.34 -9.44
N HIS A 131 -15.53 0.97 -9.94
CA HIS A 131 -15.24 1.00 -11.37
C HIS A 131 -14.59 -0.31 -11.79
N PRO A 132 -15.31 -1.42 -11.60
CA PRO A 132 -14.69 -2.72 -11.89
C PRO A 132 -14.46 -2.98 -13.36
N GLU A 133 -15.11 -2.23 -14.25
CA GLU A 133 -14.82 -2.29 -15.67
C GLU A 133 -13.44 -1.72 -16.02
N LEU A 134 -12.76 -1.06 -15.08
CA LEU A 134 -11.43 -0.49 -15.33
C LEU A 134 -10.31 -1.42 -14.93
N ILE A 135 -10.62 -2.52 -14.24
CA ILE A 135 -9.57 -3.41 -13.78
C ILE A 135 -8.71 -3.88 -14.96
N SER A 136 -9.35 -4.20 -16.08
CA SER A 136 -8.58 -4.79 -17.18
C SER A 136 -7.60 -3.80 -17.81
N ALA A 137 -7.79 -2.48 -17.61
CA ALA A 137 -6.87 -1.47 -18.13
C ALA A 137 -5.63 -1.31 -17.26
N TYR A 138 -5.62 -1.91 -16.07
CA TYR A 138 -4.49 -1.76 -15.15
C TYR A 138 -3.87 -3.07 -14.71
N ILE A 139 -4.68 -4.03 -14.24
CA ILE A 139 -4.12 -5.21 -13.59
C ILE A 139 -3.26 -6.02 -14.55
N PRO A 140 -3.69 -6.33 -15.77
CA PRO A 140 -2.79 -7.06 -16.68
C PRO A 140 -1.47 -6.33 -16.92
N LYS A 141 -1.50 -5.01 -17.11
CA LYS A 141 -0.29 -4.21 -17.29
C LYS A 141 0.62 -4.28 -16.06
N TRP A 142 0.03 -4.24 -14.87
CA TRP A 142 0.84 -4.32 -13.65
C TRP A 142 1.51 -5.67 -13.51
N ILE A 143 0.77 -6.76 -13.78
CA ILE A 143 1.36 -8.09 -13.77
C ILE A 143 2.53 -8.18 -14.75
N ALA A 144 2.33 -7.69 -15.97
CA ALA A 144 3.37 -7.81 -16.99
C ALA A 144 4.54 -6.83 -16.79
N SER A 145 4.44 -5.86 -15.89
CA SER A 145 5.47 -4.83 -15.77
C SER A 145 6.79 -5.34 -15.17
N ASP A 146 6.76 -6.45 -14.44
CA ASP A 146 7.88 -6.93 -13.62
C ASP A 146 8.43 -5.86 -12.65
N ASN A 147 7.59 -4.88 -12.29
CA ASN A 147 7.80 -4.05 -11.11
C ASN A 147 7.09 -4.76 -9.95
N ILE A 148 7.87 -5.17 -8.95
CA ILE A 148 7.25 -6.03 -7.95
C ILE A 148 6.17 -5.32 -7.16
N TRP A 149 6.23 -3.99 -7.05
CA TRP A 149 5.21 -3.29 -6.28
C TRP A 149 3.92 -3.12 -7.05
N LEU A 150 3.97 -2.94 -8.37
CA LEU A 150 2.73 -3.03 -9.15
C LEU A 150 2.18 -4.46 -9.17
N GLN A 151 3.05 -5.48 -9.18
CA GLN A 151 2.56 -6.85 -9.09
C GLN A 151 1.91 -7.11 -7.73
N ARG A 152 2.51 -6.60 -6.66
CA ARG A 152 1.87 -6.73 -5.36
C ARG A 152 0.56 -5.97 -5.32
N ALA A 153 0.50 -4.82 -6.01
CA ALA A 153 -0.77 -4.07 -6.08
C ALA A 153 -1.85 -4.89 -6.76
N ALA A 154 -1.50 -5.63 -7.81
CA ALA A 154 -2.48 -6.44 -8.51
C ALA A 154 -3.03 -7.53 -7.60
N ILE A 155 -2.17 -8.09 -6.76
CA ILE A 155 -2.56 -9.13 -5.82
C ILE A 155 -3.43 -8.56 -4.71
N LEU A 156 -3.05 -7.40 -4.17
CA LEU A 156 -3.63 -6.91 -2.92
C LEU A 156 -4.76 -5.90 -3.06
N PHE A 157 -5.14 -5.44 -4.26
CA PHE A 157 -6.20 -4.43 -4.28
C PHE A 157 -7.52 -4.99 -3.77
N GLN A 158 -7.73 -6.32 -3.86
CA GLN A 158 -8.93 -6.98 -3.33
C GLN A 158 -8.79 -7.48 -1.89
N LEU A 159 -7.65 -7.21 -1.22
CA LEU A 159 -7.35 -7.82 0.07
C LEU A 159 -8.51 -7.75 1.05
N LYS A 160 -9.15 -6.57 1.17
CA LYS A 160 -10.15 -6.34 2.20
C LYS A 160 -11.58 -6.49 1.69
N TYR A 161 -11.76 -7.10 0.51
CA TYR A 161 -13.08 -7.21 -0.10
C TYR A 161 -14.02 -8.19 0.60
N LYS A 162 -13.50 -9.20 1.29
CA LYS A 162 -14.33 -10.19 1.95
C LYS A 162 -15.33 -10.77 0.94
N GLN A 163 -16.64 -10.66 1.23
CA GLN A 163 -17.66 -11.26 0.36
C GLN A 163 -17.74 -10.61 -1.02
N LYS A 164 -17.11 -9.47 -1.22
CA LYS A 164 -17.07 -8.80 -2.52
C LYS A 164 -15.97 -9.35 -3.42
N MET A 165 -15.12 -10.21 -2.90
CA MET A 165 -14.00 -10.76 -3.67
C MET A 165 -14.47 -11.36 -5.01
N ASP A 166 -13.77 -11.00 -6.08
CA ASP A 166 -13.92 -11.63 -7.37
C ASP A 166 -12.96 -12.81 -7.37
N GLU A 167 -13.50 -13.97 -7.05
CA GLU A 167 -12.71 -15.18 -6.85
C GLU A 167 -11.97 -15.57 -8.12
N GLU A 168 -12.69 -15.60 -9.26
CA GLU A 168 -12.03 -16.02 -10.51
C GLU A 168 -10.86 -15.10 -10.85
N LEU A 169 -11.03 -13.79 -10.61
CA LEU A 169 -9.97 -12.83 -10.90
C LEU A 169 -8.79 -13.01 -9.95
N LEU A 170 -9.06 -13.14 -8.64
CA LEU A 170 -8.00 -13.36 -7.67
C LEU A 170 -7.15 -14.55 -8.06
N PHE A 171 -7.81 -15.66 -8.37
CA PHE A 171 -7.05 -16.88 -8.65
C PHE A 171 -6.31 -16.77 -9.98
N TRP A 172 -6.85 -16.02 -10.95
CA TRP A 172 -6.10 -15.81 -12.20
C TRP A 172 -4.86 -14.97 -11.92
N ILE A 173 -4.99 -13.91 -11.13
CA ILE A 173 -3.85 -13.05 -10.81
C ILE A 173 -2.78 -13.88 -10.12
N ILE A 174 -3.19 -14.66 -9.13
CA ILE A 174 -2.21 -15.47 -8.41
C ILE A 174 -1.53 -16.44 -9.37
N GLY A 175 -2.28 -17.05 -10.28
CA GLY A 175 -1.65 -18.00 -11.20
C GLY A 175 -0.61 -17.37 -12.11
N GLN A 176 -0.79 -16.10 -12.44
CA GLN A 176 0.17 -15.40 -13.29
C GLN A 176 1.44 -15.06 -12.54
N LEU A 177 1.38 -15.02 -11.21
CA LEU A 177 2.51 -14.60 -10.38
C LEU A 177 3.05 -15.69 -9.48
N HIS A 178 2.49 -16.90 -9.50
CA HIS A 178 2.91 -17.94 -8.55
C HIS A 178 4.36 -18.36 -8.75
N SER A 179 4.88 -18.23 -9.96
CA SER A 179 6.26 -18.62 -10.23
CA SER A 179 6.26 -18.61 -10.27
C SER A 179 7.27 -17.51 -9.93
N SER A 180 6.85 -16.39 -9.33
CA SER A 180 7.79 -15.35 -8.98
C SER A 180 8.71 -15.83 -7.84
N LYS A 181 10.02 -15.58 -8.02
CA LYS A 181 11.03 -15.78 -6.99
C LYS A 181 10.91 -14.78 -5.86
N GLU A 182 10.18 -13.70 -6.05
CA GLU A 182 10.30 -12.51 -5.21
C GLU A 182 9.63 -12.69 -3.85
N PHE A 183 10.38 -12.35 -2.82
CA PHE A 183 9.88 -12.41 -1.45
C PHE A 183 8.53 -11.70 -1.31
N PHE A 184 8.44 -10.46 -1.78
CA PHE A 184 7.23 -9.70 -1.52
C PHE A 184 6.05 -10.17 -2.37
N ILE A 185 6.29 -10.93 -3.44
CA ILE A 185 5.19 -11.50 -4.21
C ILE A 185 4.72 -12.80 -3.57
N GLN A 186 5.67 -13.66 -3.18
CA GLN A 186 5.29 -14.91 -2.48
C GLN A 186 4.54 -14.57 -1.19
N LYS A 187 5.00 -13.54 -0.48
CA LYS A 187 4.33 -13.10 0.74
C LYS A 187 2.92 -12.60 0.46
N ALA A 188 2.77 -11.77 -0.57
CA ALA A 188 1.45 -11.17 -0.85
C ALA A 188 0.43 -12.23 -1.23
N ILE A 189 0.85 -13.23 -2.01
CA ILE A 189 -0.03 -14.33 -2.37
C ILE A 189 -0.48 -15.08 -1.15
N GLY A 190 0.47 -15.42 -0.25
CA GLY A 190 0.07 -16.07 0.98
C GLY A 190 -0.90 -15.24 1.79
N TRP A 191 -0.65 -13.92 1.88
CA TRP A 191 -1.46 -13.01 2.69
C TRP A 191 -2.88 -12.96 2.16
N VAL A 192 -3.03 -12.73 0.85
CA VAL A 192 -4.38 -12.54 0.32
C VAL A 192 -5.17 -13.83 0.42
N LEU A 193 -4.51 -14.98 0.26
CA LEU A 193 -5.22 -16.25 0.37
C LEU A 193 -5.63 -16.56 1.81
N ARG A 194 -4.74 -16.29 2.77
CA ARG A 194 -5.09 -16.45 4.18
C ARG A 194 -6.26 -15.53 4.53
N GLU A 195 -6.21 -14.28 4.08
CA GLU A 195 -7.28 -13.35 4.42
C GLU A 195 -8.60 -13.78 3.78
N TYR A 196 -8.56 -14.12 2.49
CA TYR A 196 -9.82 -14.53 1.84
C TYR A 196 -10.36 -15.83 2.44
N ALA A 197 -9.49 -16.72 2.90
CA ALA A 197 -9.94 -17.93 3.59
C ALA A 197 -10.76 -17.65 4.83
N LYS A 198 -10.66 -16.43 5.42
CA LYS A 198 -11.55 -16.10 6.53
C LYS A 198 -13.00 -15.99 6.07
N THR A 199 -13.19 -15.72 4.79
CA THR A 199 -14.52 -15.52 4.20
C THR A 199 -15.00 -16.78 3.49
N ASN A 200 -14.13 -17.36 2.67
CA ASN A 200 -14.50 -18.43 1.73
C ASN A 200 -13.44 -19.53 1.82
N PRO A 201 -13.35 -20.20 2.95
CA PRO A 201 -12.22 -21.13 3.13
C PRO A 201 -12.25 -22.29 2.15
N ASP A 202 -13.44 -22.79 1.81
CA ASP A 202 -13.50 -23.99 0.98
C ASP A 202 -12.88 -23.75 -0.39
N VAL A 203 -13.06 -22.55 -0.96
CA VAL A 203 -12.52 -22.30 -2.30
C VAL A 203 -11.04 -22.05 -2.23
N VAL A 204 -10.53 -21.47 -1.13
CA VAL A 204 -9.08 -21.35 -0.97
C VAL A 204 -8.44 -22.72 -0.82
N TRP A 205 -9.02 -23.58 0.02
CA TRP A 205 -8.51 -24.95 0.13
C TRP A 205 -8.45 -25.64 -1.23
N GLU A 206 -9.56 -25.61 -1.97
CA GLU A 206 -9.57 -26.30 -3.27
C GLU A 206 -8.53 -25.70 -4.20
N TYR A 207 -8.37 -24.37 -4.19
CA TYR A 207 -7.39 -23.76 -5.06
C TYR A 207 -5.99 -24.24 -4.73
N VAL A 208 -5.65 -24.20 -3.45
CA VAL A 208 -4.29 -24.55 -3.02
C VAL A 208 -3.99 -26.03 -3.24
N GLN A 209 -5.01 -26.88 -3.18
CA GLN A 209 -4.78 -28.31 -3.41
C GLN A 209 -4.66 -28.68 -4.89
N ASN A 210 -5.00 -27.78 -5.82
CA ASN A 210 -5.04 -28.12 -7.22
C ASN A 210 -4.20 -27.20 -8.09
N ASN A 211 -3.51 -26.23 -7.52
CA ASN A 211 -2.76 -25.24 -8.28
C ASN A 211 -1.42 -25.01 -7.61
N GLU A 212 -0.39 -24.84 -8.42
CA GLU A 212 0.97 -24.72 -7.90
C GLU A 212 1.19 -23.37 -7.24
N LEU A 213 1.89 -23.40 -6.12
CA LEU A 213 2.27 -22.21 -5.38
C LEU A 213 3.65 -22.45 -4.78
N ALA A 214 4.37 -21.37 -4.56
CA ALA A 214 5.59 -21.47 -3.77
C ALA A 214 5.25 -22.00 -2.37
N PRO A 215 6.15 -22.74 -1.74
CA PRO A 215 5.81 -23.36 -0.44
C PRO A 215 5.49 -22.33 0.64
N LEU A 216 6.17 -21.18 0.64
CA LEU A 216 5.84 -20.15 1.62
C LEU A 216 4.40 -19.71 1.47
N SER A 217 3.96 -19.51 0.22
CA SER A 217 2.61 -19.04 -0.06
C SER A 217 1.57 -20.07 0.33
N LYS A 218 1.82 -21.34 -0.02
CA LYS A 218 0.89 -22.41 0.29
C LYS A 218 0.72 -22.58 1.80
N ARG A 219 1.82 -22.57 2.55
CA ARG A 219 1.73 -22.75 3.99
C ARG A 219 0.91 -21.62 4.60
N GLU A 220 1.16 -20.38 4.17
CA GLU A 220 0.44 -19.23 4.71
C GLU A 220 -1.05 -19.30 4.41
N ALA A 221 -1.40 -19.69 3.19
CA ALA A 221 -2.80 -19.67 2.75
C ALA A 221 -3.67 -20.54 3.65
N ILE A 222 -3.16 -21.70 4.06
CA ILE A 222 -3.96 -22.74 4.70
C ILE A 222 -3.74 -22.81 6.20
N LYS A 223 -2.96 -21.87 6.77
CA LYS A 223 -2.48 -22.11 8.12
C LYS A 223 -3.60 -22.11 9.15
N HIS A 224 -4.76 -21.54 8.85
CA HIS A 224 -5.86 -21.54 9.81
C HIS A 224 -7.05 -22.40 9.41
N ILE A 225 -6.98 -23.11 8.29
CA ILE A 225 -8.08 -23.95 7.87
C ILE A 225 -7.68 -25.40 7.66
N LYS A 226 -6.38 -25.72 7.58
CA LYS A 226 -5.96 -27.07 7.21
C LYS A 226 -6.51 -28.11 8.17
N GLN A 227 -6.77 -27.74 9.43
CA GLN A 227 -7.31 -28.69 10.40
C GLN A 227 -8.73 -29.16 10.07
N ASN A 228 -9.41 -28.51 9.13
CA ASN A 228 -10.81 -28.83 8.85
C ASN A 228 -10.99 -29.78 7.67
N TYR A 229 -9.92 -30.27 7.07
CA TYR A 229 -10.01 -31.03 5.83
C TYR A 229 -9.21 -32.32 5.91
#